data_2BSX
#
_entry.id   2BSX
#
_cell.length_a   95.117
_cell.length_b   95.117
_cell.length_c   47.075
_cell.angle_alpha   90.00
_cell.angle_beta   90.00
_cell.angle_gamma   120.00
#
_symmetry.space_group_name_H-M   'P 3 2 1'
#
loop_
_entity.id
_entity.type
_entity.pdbx_description
1 polymer 'PURINE NUCLEOSIDE PHOSPHORYLASE'
2 non-polymer INOSINE
3 water water
#
_entity_poly.entity_id   1
_entity_poly.type   'polypeptide(L)'
_entity_poly.pdbx_seq_one_letter_code
;MDNLLRHLKISKEQITPVVLVVGDPGRVDKIKVVCDSYVDLAYNREYKSVECHYKGQKFLCVSHGVGSAGCAVCFEELCQ
NGAKVIIRAGSCGSLQPDLIKRGDICICNAAVREDRVSHLLIHGDFPAVGDFDVYDTLNKCAQELNVPVFNGISVSSDMY
YPNKIIPSRLEDYSKANAAVVEMELATLMVIGTLRKVKTGGILIVDGCPFKWDEGDFDNNLVPHQLENMIKIALGACAKL
ATKYALEHHHHHH
;
_entity_poly.pdbx_strand_id   A
#
loop_
_chem_comp.id
_chem_comp.type
_chem_comp.name
_chem_comp.formula
NOS non-polymer INOSINE 'C10 H12 N4 O5'
#
# COMPACT_ATOMS: atom_id res chain seq x y z
N MET A 1 -13.89 22.40 8.21
CA MET A 1 -12.59 22.47 8.95
C MET A 1 -12.76 22.83 10.43
N ASP A 2 -12.30 21.94 11.32
CA ASP A 2 -12.10 22.28 12.74
C ASP A 2 -11.26 21.23 13.49
N ASN A 3 -11.82 20.03 13.65
CA ASN A 3 -11.03 18.84 13.97
C ASN A 3 -11.60 17.63 13.23
N LEU A 4 -11.52 17.69 11.90
CA LEU A 4 -12.29 16.83 10.98
C LEU A 4 -11.94 15.35 10.94
N LEU A 5 -11.16 14.98 9.92
CA LEU A 5 -11.17 13.65 9.31
C LEU A 5 -12.32 12.79 9.77
N ARG A 6 -13.29 12.64 8.86
CA ARG A 6 -14.54 11.96 9.14
C ARG A 6 -14.35 10.49 9.50
N HIS A 7 -13.46 9.76 8.82
CA HIS A 7 -13.24 8.34 9.09
C HIS A 7 -11.99 7.99 9.88
N LEU A 8 -10.89 8.69 9.61
CA LEU A 8 -9.65 8.57 10.40
C LEU A 8 -9.82 9.22 11.79
N LYS A 9 -10.70 10.21 11.89
CA LYS A 9 -11.00 10.82 13.18
C LYS A 9 -9.72 11.31 13.84
N ILE A 10 -8.82 11.80 13.00
CA ILE A 10 -7.65 12.56 13.43
C ILE A 10 -7.82 13.98 12.91
N SER A 11 -6.92 14.86 13.34
CA SER A 11 -6.97 16.25 12.94
C SER A 11 -6.18 16.47 11.66
N LYS A 12 -6.49 17.56 10.96
CA LYS A 12 -5.84 17.93 9.70
C LYS A 12 -4.44 18.45 9.93
N GLU A 13 -4.11 18.77 11.18
CA GLU A 13 -2.76 19.16 11.55
C GLU A 13 -1.95 17.99 12.06
N GLN A 14 -2.52 16.79 11.98
CA GLN A 14 -1.80 15.57 12.35
C GLN A 14 -1.40 14.79 11.13
N ILE A 15 -1.87 15.25 9.97
CA ILE A 15 -1.51 14.65 8.71
C ILE A 15 -0.13 15.18 8.39
N THR A 16 0.79 14.26 8.16
CA THR A 16 2.15 14.64 7.84
C THR A 16 2.30 14.69 6.29
N PRO A 17 3.45 15.17 5.78
CA PRO A 17 3.81 14.97 4.37
C PRO A 17 3.84 13.49 3.86
N VAL A 18 4.43 12.56 4.62
CA VAL A 18 4.45 11.11 4.23
C VAL A 18 3.51 10.31 5.13
N VAL A 19 2.84 9.31 4.53
CA VAL A 19 1.97 8.38 5.25
C VAL A 19 2.28 6.90 4.86
N LEU A 20 2.33 5.99 5.80
CA LEU A 20 2.37 4.54 5.44
C LEU A 20 1.04 3.91 5.79
N VAL A 21 0.32 3.43 4.79
CA VAL A 21 -1.01 2.84 4.96
C VAL A 21 -0.90 1.32 4.78
N VAL A 22 -1.44 0.52 5.71
CA VAL A 22 -1.53 -0.93 5.60
C VAL A 22 -3.02 -1.27 5.75
N GLY A 23 -3.37 -2.54 5.60
CA GLY A 23 -4.77 -2.95 5.66
C GLY A 23 -5.36 -3.33 7.00
N ASP A 24 -4.58 -4.00 7.84
CA ASP A 24 -5.05 -4.65 9.07
C ASP A 24 -4.53 -3.82 10.20
N PRO A 25 -5.42 -3.36 11.12
CA PRO A 25 -4.97 -2.37 12.12
C PRO A 25 -4.10 -2.99 13.21
N GLY A 26 -4.01 -4.30 13.21
CA GLY A 26 -3.17 -5.04 14.15
C GLY A 26 -1.74 -5.00 13.68
N ARG A 27 -1.53 -4.56 12.44
CA ARG A 27 -0.21 -4.49 11.85
C ARG A 27 0.30 -3.08 11.90
N VAL A 28 -0.59 -2.14 12.18
CA VAL A 28 -0.20 -0.81 12.58
C VAL A 28 0.55 -0.89 13.92
N ASP A 29 0.17 -1.86 14.75
CA ASP A 29 0.79 -2.13 16.06
C ASP A 29 2.12 -2.88 15.89
N LYS A 30 2.21 -3.79 14.92
CA LYS A 30 3.46 -4.53 14.74
C LYS A 30 4.53 -3.65 14.09
N ILE A 31 4.12 -2.48 13.60
CA ILE A 31 5.00 -1.53 12.95
C ILE A 31 5.37 -0.43 13.94
N LYS A 32 4.35 0.05 14.64
CA LYS A 32 4.50 0.76 15.91
C LYS A 32 5.70 0.23 16.74
N VAL A 33 5.93 -1.07 16.71
CA VAL A 33 6.93 -1.72 17.57
C VAL A 33 8.39 -1.49 17.15
N VAL A 34 8.65 -1.51 15.84
CA VAL A 34 10.02 -1.43 15.36
C VAL A 34 10.50 0.01 15.20
N CYS A 35 9.59 0.96 15.32
CA CYS A 35 9.96 2.37 15.24
C CYS A 35 10.78 2.81 16.44
N ASP A 36 11.21 4.06 16.42
CA ASP A 36 12.01 4.59 17.50
C ASP A 36 11.12 5.13 18.61
N SER A 37 10.07 5.87 18.22
CA SER A 37 8.98 6.32 19.12
C SER A 37 7.68 6.48 18.34
N TYR A 38 6.56 6.57 19.04
CA TYR A 38 5.26 6.82 18.40
C TYR A 38 4.30 7.65 19.23
N VAL A 39 3.23 8.06 18.55
CA VAL A 39 2.10 8.73 19.17
C VAL A 39 0.87 8.08 18.56
N ASP A 40 0.13 7.29 19.35
CA ASP A 40 -1.19 6.81 18.94
C ASP A 40 -2.17 7.97 18.83
N LEU A 41 -2.95 7.99 17.75
CA LEU A 41 -3.72 9.20 17.40
C LEU A 41 -5.22 9.10 17.46
N ALA A 42 -5.73 7.95 17.02
CA ALA A 42 -7.15 7.62 16.91
C ALA A 42 -7.32 6.17 16.43
N TYR A 43 -8.46 5.53 16.80
CA TYR A 43 -8.89 4.21 16.30
C TYR A 43 -10.41 4.18 16.04
N ASN A 44 -10.79 4.37 14.79
CA ASN A 44 -12.21 4.43 14.42
C ASN A 44 -12.46 3.36 13.41
N ARG A 45 -13.57 2.64 13.53
CA ARG A 45 -13.83 1.50 12.62
C ARG A 45 -12.48 0.80 12.25
N GLU A 46 -12.37 0.30 11.02
CA GLU A 46 -11.13 -0.26 10.44
C GLU A 46 -9.89 0.68 10.38
N TYR A 47 -9.99 1.90 10.90
CA TYR A 47 -8.95 2.95 10.68
C TYR A 47 -8.05 3.38 11.89
N LYS A 48 -7.06 2.55 12.24
CA LYS A 48 -6.15 2.91 13.33
C LYS A 48 -5.08 3.90 12.89
N SER A 49 -5.01 5.06 13.55
CA SER A 49 -4.01 6.09 13.23
C SER A 49 -2.94 6.32 14.32
N VAL A 50 -1.78 6.83 13.89
CA VAL A 50 -0.52 6.73 14.61
C VAL A 50 0.53 7.65 13.96
N GLU A 51 1.33 8.33 14.79
CA GLU A 51 2.49 9.12 14.35
C GLU A 51 3.67 8.19 14.58
N CYS A 52 4.33 7.71 13.51
CA CYS A 52 5.59 6.98 13.65
C CYS A 52 6.81 7.90 13.60
N HIS A 53 7.82 7.60 14.41
CA HIS A 53 9.13 8.30 14.38
C HIS A 53 10.25 7.28 14.09
N TYR A 54 10.98 7.48 12.99
CA TYR A 54 12.05 6.58 12.59
C TYR A 54 13.11 7.40 11.86
N LYS A 55 14.36 7.11 12.21
CA LYS A 55 15.56 7.77 11.73
C LYS A 55 15.48 9.30 11.62
N GLY A 56 14.91 9.96 12.61
CA GLY A 56 14.87 11.44 12.67
C GLY A 56 13.65 12.12 12.07
N GLN A 57 12.77 11.28 11.52
CA GLN A 57 11.60 11.75 10.81
C GLN A 57 10.31 11.21 11.40
N LYS A 58 9.24 11.97 11.18
CA LYS A 58 7.88 11.58 11.54
C LYS A 58 7.01 11.37 10.32
N PHE A 59 6.13 10.37 10.42
CA PHE A 59 5.14 10.08 9.37
C PHE A 59 4.04 9.22 9.93
N LEU A 60 2.81 9.38 9.43
CA LEU A 60 1.71 8.56 9.91
C LEU A 60 1.88 7.10 9.51
N CYS A 61 1.24 6.20 10.26
CA CYS A 61 1.00 4.82 9.83
C CYS A 61 -0.49 4.50 10.06
N VAL A 62 -1.22 4.35 8.96
CA VAL A 62 -2.70 4.42 8.99
C VAL A 62 -3.24 3.23 8.28
N SER A 63 -4.24 2.55 8.84
CA SER A 63 -4.74 1.33 8.14
C SER A 63 -6.12 1.48 7.44
N HIS A 64 -6.26 1.04 6.19
CA HIS A 64 -7.53 1.10 5.36
C HIS A 64 -8.43 -0.12 5.20
N GLY A 65 -8.36 -1.09 6.09
CA GLY A 65 -9.04 -2.37 5.84
C GLY A 65 -9.04 -3.01 4.46
N VAL A 66 -9.89 -4.03 4.34
CA VAL A 66 -9.90 -4.87 3.14
C VAL A 66 -10.83 -4.32 2.07
N GLY A 67 -10.24 -3.87 0.93
CA GLY A 67 -10.98 -3.55 -0.29
C GLY A 67 -11.01 -2.05 -0.60
N SER A 68 -11.37 -1.71 -1.84
CA SER A 68 -11.06 -0.43 -2.48
C SER A 68 -11.91 0.81 -2.11
N ALA A 69 -13.21 0.63 -1.87
CA ALA A 69 -14.12 1.73 -1.57
C ALA A 69 -13.82 2.21 -0.16
N GLY A 70 -13.48 1.24 0.66
CA GLY A 70 -13.19 1.48 2.07
C GLY A 70 -11.80 2.02 2.25
N CYS A 71 -10.86 1.46 1.48
CA CYS A 71 -9.51 2.00 1.40
C CYS A 71 -9.53 3.40 0.78
N ALA A 72 -10.30 3.58 -0.29
CA ALA A 72 -10.50 4.87 -0.98
C ALA A 72 -10.89 6.06 -0.13
N VAL A 73 -11.73 5.84 0.86
CA VAL A 73 -12.16 6.89 1.79
C VAL A 73 -11.01 7.37 2.70
N CYS A 74 -10.18 6.40 3.10
CA CYS A 74 -8.89 6.61 3.82
C CYS A 74 -7.90 7.41 2.99
N PHE A 75 -7.48 6.89 1.82
CA PHE A 75 -6.59 7.61 0.87
C PHE A 75 -7.13 9.01 0.56
N GLU A 76 -8.43 9.07 0.35
CA GLU A 76 -9.05 10.37 -0.02
C GLU A 76 -8.98 11.45 1.05
N GLU A 77 -9.11 11.01 2.31
CA GLU A 77 -9.11 11.92 3.47
C GLU A 77 -7.71 12.42 3.76
N LEU A 78 -6.73 11.58 3.42
CA LEU A 78 -5.31 11.90 3.53
C LEU A 78 -4.91 12.99 2.56
N CYS A 79 -5.17 12.82 1.26
CA CYS A 79 -4.73 13.79 0.22
C CYS A 79 -5.48 15.10 0.27
N GLN A 80 -6.68 15.06 0.80
CA GLN A 80 -7.52 16.22 0.81
C GLN A 80 -6.92 17.10 1.87
N ASN A 81 -6.20 16.46 2.78
CA ASN A 81 -5.70 17.12 3.98
C ASN A 81 -4.19 17.35 3.99
N GLY A 82 -3.47 16.64 3.13
CA GLY A 82 -2.09 17.03 2.88
C GLY A 82 -1.02 15.98 2.87
N ALA A 83 -1.37 14.71 2.67
CA ALA A 83 -0.36 13.71 2.47
C ALA A 83 0.20 14.03 1.10
N LYS A 84 1.52 13.95 0.98
CA LYS A 84 2.23 14.18 -0.26
C LYS A 84 2.71 12.88 -0.83
N VAL A 85 2.99 11.90 0.04
CA VAL A 85 3.49 10.57 -0.36
C VAL A 85 2.81 9.48 0.47
N ILE A 86 2.34 8.43 -0.20
CA ILE A 86 1.61 7.38 0.43
C ILE A 86 2.10 6.05 -0.14
N ILE A 87 2.68 5.25 0.72
CA ILE A 87 3.19 3.95 0.34
C ILE A 87 2.34 2.97 1.07
N ARG A 88 1.95 1.92 0.37
CA ARG A 88 1.19 0.86 0.96
C ARG A 88 2.09 -0.32 1.10
N ALA A 89 2.08 -0.90 2.28
CA ALA A 89 2.78 -2.12 2.52
C ALA A 89 1.72 -3.08 2.81
N GLY A 90 1.79 -4.26 2.21
CA GLY A 90 0.75 -5.20 2.45
C GLY A 90 1.13 -6.58 2.05
N SER A 91 0.09 -7.32 1.68
CA SER A 91 0.22 -8.70 1.33
C SER A 91 -0.35 -8.84 -0.07
N CYS A 92 -0.03 -9.94 -0.74
CA CYS A 92 -0.60 -10.21 -2.06
C CYS A 92 -0.50 -11.71 -2.29
N GLY A 93 -1.17 -12.22 -3.32
CA GLY A 93 -0.93 -13.60 -3.76
C GLY A 93 -0.15 -13.60 -5.07
N SER A 94 0.52 -14.72 -5.36
CA SER A 94 1.29 -14.82 -6.59
C SER A 94 0.44 -15.20 -7.80
N LEU A 95 0.65 -14.49 -8.91
CA LEU A 95 0.10 -14.82 -10.25
C LEU A 95 1.15 -15.59 -11.09
N GLN A 96 2.35 -15.75 -10.54
CA GLN A 96 3.44 -16.52 -11.20
C GLN A 96 3.98 -17.70 -10.36
N PRO A 97 3.12 -18.70 -10.05
CA PRO A 97 3.39 -19.81 -9.13
C PRO A 97 4.82 -20.27 -8.99
N ASP A 98 5.53 -20.49 -10.09
CA ASP A 98 6.84 -21.09 -9.92
C ASP A 98 8.00 -20.13 -10.11
N LEU A 99 7.74 -18.83 -9.97
CA LEU A 99 8.79 -17.81 -9.91
C LEU A 99 8.65 -16.94 -8.67
N ILE A 100 7.40 -16.59 -8.35
CA ILE A 100 7.09 -15.79 -7.19
C ILE A 100 6.39 -16.70 -6.17
N LYS A 101 7.12 -17.05 -5.12
CA LYS A 101 6.63 -17.97 -4.11
C LYS A 101 6.38 -17.25 -2.76
N ARG A 102 5.89 -18.02 -1.78
CA ARG A 102 5.52 -17.52 -0.44
C ARG A 102 6.69 -16.85 0.25
N GLY A 103 6.50 -15.57 0.59
CA GLY A 103 7.48 -14.79 1.31
C GLY A 103 8.29 -13.85 0.46
N ASP A 104 8.23 -13.99 -0.86
CA ASP A 104 8.98 -13.10 -1.73
C ASP A 104 8.34 -11.70 -1.66
N ILE A 105 9.07 -10.70 -2.11
CA ILE A 105 8.64 -9.31 -1.93
C ILE A 105 8.60 -8.65 -3.31
N CYS A 106 7.49 -8.00 -3.64
CA CYS A 106 7.40 -7.26 -4.87
C CYS A 106 7.32 -5.81 -4.53
N ILE A 107 8.00 -5.00 -5.31
CA ILE A 107 7.78 -3.59 -5.32
C ILE A 107 7.11 -3.29 -6.63
N CYS A 108 5.85 -2.92 -6.55
CA CYS A 108 4.98 -2.83 -7.70
C CYS A 108 4.83 -1.38 -8.16
N ASN A 109 4.76 -1.18 -9.47
CA ASN A 109 4.73 0.15 -10.05
C ASN A 109 3.47 0.42 -10.79
N ALA A 110 2.74 -0.63 -11.15
CA ALA A 110 1.45 -0.42 -11.79
C ALA A 110 0.50 -1.50 -11.36
N ALA A 111 -0.79 -1.31 -11.62
CA ALA A 111 -1.76 -2.34 -11.24
C ALA A 111 -2.94 -2.39 -12.18
N VAL A 112 -3.70 -3.48 -12.17
CA VAL A 112 -4.90 -3.57 -13.00
C VAL A 112 -6.07 -2.94 -12.27
N ARG A 113 -6.89 -2.17 -13.01
CA ARG A 113 -7.93 -1.38 -12.36
C ARG A 113 -9.23 -2.12 -12.28
N GLU A 114 -9.22 -3.16 -11.46
CA GLU A 114 -10.38 -4.04 -11.29
C GLU A 114 -11.17 -3.74 -10.02
N ASP A 115 -11.32 -2.44 -9.71
CA ASP A 115 -12.34 -2.02 -8.79
C ASP A 115 -13.47 -1.39 -9.52
N ARG A 116 -14.09 -0.40 -8.84
CA ARG A 116 -15.13 0.39 -9.47
C ARG A 116 -14.85 1.86 -9.07
N VAL A 117 -14.51 2.14 -7.83
CA VAL A 117 -14.21 3.52 -7.31
C VAL A 117 -13.36 4.43 -8.17
N SER A 118 -12.38 3.90 -8.90
CA SER A 118 -11.46 4.73 -9.68
C SER A 118 -12.23 5.07 -10.94
N HIS A 119 -12.99 4.09 -11.41
CA HIS A 119 -13.83 4.25 -12.59
C HIS A 119 -14.96 5.27 -12.42
N LEU A 120 -15.18 5.73 -11.18
CA LEU A 120 -16.23 6.69 -10.87
C LEU A 120 -15.52 8.00 -10.71
N LEU A 121 -14.20 7.90 -10.67
CA LEU A 121 -13.26 8.98 -10.69
C LEU A 121 -12.73 9.25 -12.08
N ILE A 122 -12.24 8.24 -12.82
CA ILE A 122 -11.65 8.58 -14.10
C ILE A 122 -11.95 7.45 -15.09
N HIS A 123 -11.70 7.63 -16.38
CA HIS A 123 -12.31 6.78 -17.34
C HIS A 123 -11.43 5.52 -17.28
N GLY A 124 -11.87 4.32 -17.55
CA GLY A 124 -10.90 3.20 -17.32
C GLY A 124 -9.72 3.17 -18.26
N ASP A 125 -9.61 4.17 -19.15
CA ASP A 125 -8.51 4.15 -20.16
C ASP A 125 -7.21 4.54 -19.43
N PHE A 126 -7.42 5.32 -18.37
CA PHE A 126 -6.33 5.78 -17.45
C PHE A 126 -5.50 4.64 -16.81
N PRO A 127 -4.16 4.79 -16.78
CA PRO A 127 -3.25 3.93 -16.07
C PRO A 127 -3.34 4.07 -14.56
N ALA A 128 -3.30 2.94 -13.83
CA ALA A 128 -2.92 3.09 -12.41
C ALA A 128 -1.45 2.80 -12.27
N VAL A 129 -0.69 3.87 -11.98
CA VAL A 129 0.78 3.81 -11.99
C VAL A 129 1.32 4.52 -10.75
N GLY A 130 2.35 3.96 -10.13
CA GLY A 130 2.93 4.61 -8.94
C GLY A 130 3.84 5.75 -9.39
N ASP A 131 4.48 6.45 -8.47
CA ASP A 131 5.43 7.45 -8.94
C ASP A 131 6.80 6.82 -8.96
N PHE A 132 7.60 7.15 -9.96
CA PHE A 132 8.95 6.58 -10.10
C PHE A 132 9.89 6.79 -8.90
N ASP A 133 9.94 8.03 -8.39
CA ASP A 133 10.77 8.37 -7.23
C ASP A 133 10.48 7.41 -6.09
N VAL A 134 9.24 7.43 -5.59
CA VAL A 134 8.79 6.52 -4.55
C VAL A 134 9.23 5.09 -4.90
N TYR A 135 9.07 4.72 -6.15
CA TYR A 135 9.39 3.36 -6.56
C TYR A 135 10.91 3.10 -6.55
N ASP A 136 11.70 4.11 -6.95
CA ASP A 136 13.15 4.03 -6.95
C ASP A 136 13.69 3.98 -5.52
N THR A 137 13.23 4.89 -4.65
CA THR A 137 13.71 4.94 -3.26
C THR A 137 13.39 3.64 -2.57
N LEU A 138 12.15 3.17 -2.69
CA LEU A 138 11.78 1.85 -2.17
C LEU A 138 12.70 0.75 -2.67
N ASN A 139 13.14 0.84 -3.92
CA ASN A 139 13.97 -0.21 -4.52
C ASN A 139 15.39 -0.26 -4.01
N LYS A 140 15.96 0.90 -3.76
CA LYS A 140 17.33 0.99 -3.31
C LYS A 140 17.45 0.72 -1.80
N CYS A 141 16.39 0.96 -1.01
CA CYS A 141 16.40 0.52 0.40
C CYS A 141 16.53 -1.01 0.44
N ALA A 142 15.80 -1.68 -0.42
CA ALA A 142 15.87 -3.13 -0.55
C ALA A 142 17.32 -3.58 -0.76
N GLN A 143 18.06 -2.83 -1.58
CA GLN A 143 19.43 -3.15 -2.01
C GLN A 143 20.51 -2.77 -0.99
N GLU A 144 20.20 -1.76 -0.17
CA GLU A 144 21.04 -1.32 0.95
C GLU A 144 20.83 -2.20 2.16
N LEU A 145 19.71 -2.91 2.18
CA LEU A 145 19.41 -3.79 3.28
C LEU A 145 19.61 -5.21 2.83
N ASN A 146 20.20 -5.37 1.65
CA ASN A 146 20.53 -6.67 1.08
C ASN A 146 19.35 -7.62 1.26
N VAL A 147 18.33 -7.39 0.44
CA VAL A 147 17.09 -8.16 0.45
C VAL A 147 16.51 -8.17 -0.96
N PRO A 148 16.52 -9.35 -1.60
CA PRO A 148 15.88 -9.62 -2.87
C PRO A 148 14.45 -9.07 -2.96
N VAL A 149 14.10 -8.48 -4.10
CA VAL A 149 12.73 -8.03 -4.40
C VAL A 149 12.42 -8.37 -5.85
N PHE A 150 11.16 -8.71 -6.13
CA PHE A 150 10.67 -8.64 -7.51
C PHE A 150 10.11 -7.26 -7.72
N ASN A 151 10.01 -6.87 -8.98
CA ASN A 151 9.21 -5.72 -9.35
C ASN A 151 8.14 -6.17 -10.31
N GLY A 152 7.09 -5.38 -10.44
CA GLY A 152 5.98 -5.83 -11.22
C GLY A 152 4.71 -5.04 -11.24
N ILE A 153 3.73 -5.68 -11.87
CA ILE A 153 2.39 -5.21 -12.04
C ILE A 153 1.56 -6.12 -11.16
N SER A 154 0.73 -5.45 -10.38
CA SER A 154 -0.25 -6.06 -9.53
C SER A 154 -1.68 -5.91 -10.09
N VAL A 155 -2.51 -6.92 -9.85
CA VAL A 155 -3.92 -6.80 -10.15
C VAL A 155 -4.66 -6.52 -8.88
N SER A 156 -5.32 -5.38 -8.81
CA SER A 156 -6.11 -5.07 -7.68
C SER A 156 -7.56 -5.56 -7.88
N SER A 157 -7.81 -6.88 -7.76
CA SER A 157 -9.20 -7.43 -7.87
C SER A 157 -10.05 -7.31 -6.60
N ASP A 158 -11.27 -6.87 -6.80
CA ASP A 158 -12.36 -6.82 -5.82
C ASP A 158 -13.07 -8.10 -5.50
N MET A 159 -12.89 -9.05 -6.39
CA MET A 159 -13.37 -10.39 -6.07
C MET A 159 -12.25 -11.16 -5.53
N TYR A 160 -12.37 -11.53 -4.25
CA TYR A 160 -11.45 -12.38 -3.54
C TYR A 160 -11.88 -13.82 -3.73
N TYR A 161 -13.18 -14.07 -3.60
CA TYR A 161 -13.74 -15.40 -3.85
C TYR A 161 -14.38 -15.41 -5.23
N PRO A 162 -13.65 -15.92 -6.24
CA PRO A 162 -14.25 -16.11 -7.56
C PRO A 162 -15.42 -17.07 -7.56
N ASN A 163 -16.08 -17.14 -8.72
CA ASN A 163 -17.44 -17.68 -8.81
C ASN A 163 -17.51 -18.81 -9.85
N LYS A 164 -18.58 -19.60 -9.87
CA LYS A 164 -18.76 -20.58 -10.95
C LYS A 164 -19.31 -20.03 -12.30
N ILE A 165 -19.83 -18.79 -12.31
CA ILE A 165 -20.51 -18.26 -13.52
C ILE A 165 -19.63 -17.43 -14.48
N ILE A 166 -19.06 -16.31 -14.01
CA ILE A 166 -18.26 -15.46 -14.88
C ILE A 166 -16.80 -15.89 -14.80
N PRO A 167 -16.09 -15.87 -15.93
CA PRO A 167 -14.63 -15.86 -16.03
C PRO A 167 -13.94 -14.90 -15.07
N SER A 168 -13.26 -15.44 -14.07
CA SER A 168 -12.28 -14.66 -13.36
C SER A 168 -11.11 -14.45 -14.32
N ARG A 169 -10.66 -13.22 -14.48
CA ARG A 169 -9.57 -12.96 -15.43
C ARG A 169 -8.17 -13.31 -14.94
N LEU A 170 -8.01 -13.57 -13.65
CA LEU A 170 -6.65 -13.74 -13.12
C LEU A 170 -5.71 -14.58 -13.98
N GLU A 171 -6.22 -15.63 -14.64
CA GLU A 171 -5.34 -16.35 -15.55
C GLU A 171 -4.94 -15.46 -16.72
N ASP A 172 -5.93 -14.79 -17.30
CA ASP A 172 -5.73 -13.76 -18.32
C ASP A 172 -4.56 -12.86 -18.01
N TYR A 173 -4.54 -12.26 -16.81
CA TYR A 173 -3.49 -11.31 -16.43
C TYR A 173 -2.16 -11.99 -16.06
N SER A 174 -2.21 -13.23 -15.58
CA SER A 174 -1.02 -14.06 -15.45
C SER A 174 -0.35 -14.21 -16.80
N LYS A 175 -1.05 -14.80 -17.78
CA LYS A 175 -0.54 -14.93 -19.17
C LYS A 175 0.00 -13.60 -19.70
N ALA A 176 -0.48 -12.50 -19.12
CA ALA A 176 -0.10 -11.13 -19.49
C ALA A 176 1.04 -10.56 -18.66
N ASN A 177 1.56 -11.35 -17.72
CA ASN A 177 2.83 -11.11 -17.04
C ASN A 177 2.71 -10.38 -15.72
N ALA A 178 1.48 -10.17 -15.28
CA ALA A 178 1.21 -9.47 -14.04
C ALA A 178 1.80 -10.40 -12.98
N ALA A 179 2.31 -9.82 -11.90
CA ALA A 179 3.11 -10.62 -10.96
C ALA A 179 2.31 -11.09 -9.79
N VAL A 180 1.47 -10.22 -9.27
CA VAL A 180 0.77 -10.53 -8.02
C VAL A 180 -0.66 -10.00 -7.98
N VAL A 181 -1.47 -10.54 -7.09
CA VAL A 181 -2.87 -10.09 -6.96
C VAL A 181 -3.15 -9.56 -5.56
N GLU A 182 -3.71 -8.35 -5.44
CA GLU A 182 -4.10 -7.82 -4.13
C GLU A 182 -5.41 -7.07 -4.31
N MET A 183 -5.81 -6.21 -3.38
CA MET A 183 -7.16 -5.61 -3.53
C MET A 183 -7.29 -4.09 -3.61
N GLU A 184 -6.27 -3.35 -3.14
CA GLU A 184 -6.32 -1.88 -2.89
C GLU A 184 -5.39 -0.93 -3.70
N LEU A 185 -4.42 -1.43 -4.44
CA LEU A 185 -3.33 -0.58 -4.95
C LEU A 185 -3.69 0.31 -6.15
N ALA A 186 -4.43 -0.22 -7.12
CA ALA A 186 -4.92 0.60 -8.21
C ALA A 186 -5.61 1.88 -7.71
N THR A 187 -6.36 1.78 -6.61
CA THR A 187 -7.17 2.91 -6.12
C THR A 187 -6.31 4.04 -5.62
N LEU A 188 -5.35 3.67 -4.80
CA LEU A 188 -4.27 4.52 -4.29
C LEU A 188 -3.63 5.28 -5.42
N MET A 189 -3.15 4.52 -6.38
CA MET A 189 -2.49 5.12 -7.55
C MET A 189 -3.32 6.07 -8.36
N VAL A 190 -4.62 5.82 -8.50
CA VAL A 190 -5.47 6.62 -9.33
C VAL A 190 -5.77 7.90 -8.54
N ILE A 191 -6.25 7.78 -7.31
CA ILE A 191 -6.50 8.96 -6.43
C ILE A 191 -5.31 9.86 -6.35
N GLY A 192 -4.16 9.29 -6.00
CA GLY A 192 -2.89 10.01 -6.02
C GLY A 192 -2.59 10.78 -7.28
N THR A 193 -2.70 10.11 -8.43
CA THR A 193 -2.44 10.79 -9.67
C THR A 193 -3.42 11.96 -9.69
N LEU A 194 -4.69 11.74 -9.30
CA LEU A 194 -5.72 12.80 -9.41
C LEU A 194 -5.52 13.97 -8.48
N ARG A 195 -5.07 13.70 -7.27
CA ARG A 195 -4.90 14.72 -6.23
C ARG A 195 -3.45 15.20 -6.04
N LYS A 196 -2.54 14.69 -6.88
CA LYS A 196 -1.12 15.11 -6.94
C LYS A 196 -0.26 14.56 -5.80
N VAL A 197 -0.39 13.25 -5.58
CA VAL A 197 0.19 12.57 -4.44
C VAL A 197 1.01 11.44 -5.01
N LYS A 198 2.22 11.33 -4.51
CA LYS A 198 3.13 10.33 -5.00
C LYS A 198 2.79 9.12 -4.20
N THR A 199 2.58 8.02 -4.87
CA THR A 199 2.24 6.79 -4.17
C THR A 199 3.21 5.72 -4.57
N GLY A 200 3.22 4.62 -3.81
CA GLY A 200 4.01 3.47 -4.16
C GLY A 200 3.54 2.26 -3.41
N GLY A 201 4.13 1.09 -3.61
CA GLY A 201 3.67 0.00 -2.79
C GLY A 201 4.49 -1.25 -2.83
N ILE A 202 4.52 -1.95 -1.71
CA ILE A 202 5.33 -3.14 -1.61
C ILE A 202 4.53 -4.11 -0.83
N LEU A 203 4.78 -5.39 -1.11
CA LEU A 203 3.86 -6.47 -0.81
C LEU A 203 4.61 -7.79 -0.58
N ILE A 204 4.16 -8.56 0.39
CA ILE A 204 4.75 -9.90 0.63
C ILE A 204 3.81 -10.98 0.11
N VAL A 205 4.35 -11.96 -0.62
CA VAL A 205 3.53 -13.08 -1.10
C VAL A 205 2.98 -13.93 0.04
N ASP A 206 1.67 -13.85 0.22
CA ASP A 206 0.98 -14.75 1.16
C ASP A 206 0.81 -16.13 0.54
N GLY A 207 0.23 -16.20 -0.66
CA GLY A 207 -0.04 -17.46 -1.35
C GLY A 207 -0.24 -17.29 -2.84
N CYS A 208 -1.00 -18.21 -3.45
CA CYS A 208 -1.32 -18.18 -4.88
C CYS A 208 -2.80 -18.53 -5.07
N PRO A 209 -3.61 -17.59 -5.59
CA PRO A 209 -5.04 -17.85 -5.74
C PRO A 209 -5.36 -19.09 -6.57
N PHE A 210 -4.40 -19.56 -7.38
CA PHE A 210 -4.57 -20.71 -8.29
C PHE A 210 -4.46 -22.09 -7.65
N LYS A 211 -3.88 -22.18 -6.46
CA LYS A 211 -3.69 -23.49 -5.83
C LYS A 211 -4.33 -23.55 -4.44
N TRP A 212 -5.34 -22.69 -4.24
CA TRP A 212 -6.10 -22.61 -2.99
C TRP A 212 -6.70 -23.97 -2.65
N ASP A 213 -7.11 -24.68 -3.69
CA ASP A 213 -7.77 -25.98 -3.60
C ASP A 213 -6.86 -27.14 -3.14
N GLU A 214 -5.57 -26.87 -2.96
CA GLU A 214 -4.57 -27.88 -2.61
C GLU A 214 -4.29 -27.95 -1.11
N LEU A 221 11.36 -18.06 8.59
CA LEU A 221 9.98 -18.07 8.18
C LEU A 221 9.70 -16.75 7.49
N VAL A 222 8.58 -16.69 6.77
CA VAL A 222 8.03 -15.42 6.28
C VAL A 222 8.19 -14.21 7.24
N PRO A 223 7.92 -14.37 8.57
CA PRO A 223 8.07 -13.20 9.45
C PRO A 223 9.43 -12.51 9.39
N HIS A 224 10.44 -13.24 8.92
CA HIS A 224 11.75 -12.67 8.59
C HIS A 224 11.65 -11.71 7.43
N GLN A 225 10.92 -12.14 6.40
CA GLN A 225 10.69 -11.34 5.18
C GLN A 225 9.74 -10.18 5.49
N LEU A 226 8.79 -10.47 6.37
CA LEU A 226 7.89 -9.48 6.89
C LEU A 226 8.67 -8.40 7.63
N GLU A 227 9.66 -8.81 8.40
CA GLU A 227 10.54 -7.85 9.08
C GLU A 227 11.28 -7.01 8.05
N ASN A 228 11.84 -7.64 7.02
CA ASN A 228 12.56 -6.92 5.96
C ASN A 228 11.70 -5.88 5.26
N MET A 229 10.48 -6.27 4.95
CA MET A 229 9.60 -5.44 4.15
C MET A 229 9.19 -4.16 4.90
N ILE A 230 8.92 -4.29 6.19
CA ILE A 230 8.64 -3.12 7.03
C ILE A 230 9.81 -2.15 7.03
N LYS A 231 11.01 -2.69 7.14
CA LYS A 231 12.18 -1.81 7.24
C LYS A 231 12.53 -1.12 5.94
N ILE A 232 12.20 -1.77 4.82
CA ILE A 232 12.30 -1.17 3.50
C ILE A 232 11.30 -0.05 3.35
N ALA A 233 10.13 -0.23 3.94
CA ALA A 233 9.01 0.70 3.84
C ALA A 233 9.15 1.85 4.83
N LEU A 234 9.47 1.51 6.08
CA LEU A 234 9.87 2.49 7.07
C LEU A 234 11.05 3.34 6.59
N GLY A 235 12.09 2.69 6.09
CA GLY A 235 13.28 3.41 5.57
C GLY A 235 13.03 4.37 4.42
N ALA A 236 12.09 3.98 3.54
CA ALA A 236 11.65 4.74 2.38
C ALA A 236 10.88 5.98 2.80
N CYS A 237 9.97 5.79 3.76
CA CYS A 237 9.18 6.88 4.36
C CYS A 237 10.05 7.92 5.06
N ALA A 238 10.97 7.45 5.90
CA ALA A 238 12.07 8.27 6.44
C ALA A 238 12.80 9.01 5.30
N LYS A 239 13.42 8.25 4.39
CA LYS A 239 14.04 8.82 3.18
C LYS A 239 13.16 9.88 2.52
N LEU A 240 11.89 9.56 2.28
CA LEU A 240 10.99 10.44 1.52
C LEU A 240 10.44 11.62 2.34
N ALA A 241 10.41 11.49 3.66
CA ALA A 241 9.88 12.56 4.51
C ALA A 241 10.86 13.71 4.69
N THR A 242 12.13 13.34 4.55
CA THR A 242 13.28 14.26 4.64
C THR A 242 13.14 15.54 3.85
N LYS A 243 12.61 15.42 2.63
CA LYS A 243 12.61 16.51 1.65
C LYS A 243 11.67 17.61 2.07
N TYR A 244 10.55 17.23 2.68
CA TYR A 244 9.49 18.15 3.09
C TYR A 244 9.73 18.75 4.47
N ALA A 245 10.36 17.97 5.36
CA ALA A 245 10.67 18.41 6.72
C ALA A 245 11.18 19.87 6.82
N LEU A 246 10.24 20.79 7.09
CA LEU A 246 10.48 22.16 7.64
C LEU A 246 9.52 23.29 7.18
N GLU A 247 8.26 23.13 7.51
CA GLU A 247 7.39 24.30 7.71
C GLU A 247 6.87 24.20 9.14
N9 NOS B . -4.40 -10.49 -0.51
C4 NOS B . -5.14 -10.89 -1.54
N3 NOS B . -6.14 -10.38 -2.30
C2 NOS B . -6.71 -11.08 -3.30
N1 NOS B . -6.32 -12.33 -3.64
C6 NOS B . -5.33 -12.96 -2.96
O6 NOS B . -4.90 -14.21 -3.27
C5 NOS B . -4.68 -12.26 -1.86
N7 NOS B . -3.72 -12.57 -1.00
C8 NOS B . -3.55 -11.49 -0.19
C5' NOS B . -6.97 -10.47 1.98
O5' NOS B . -7.12 -10.93 3.33
C4' NOS B . -6.06 -9.27 1.95
O4' NOS B . -4.73 -9.59 1.59
C1' NOS B . -4.41 -9.22 0.25
C2' NOS B . -5.51 -8.28 -0.20
O2' NOS B . -4.98 -6.96 -0.29
C3' NOS B . -6.53 -8.28 0.91
O3' NOS B . -6.63 -6.99 1.52
#